data_1ORU
#
_entry.id   1ORU
#
_cell.length_a   42.652
_cell.length_b   87.202
_cell.length_c   122.249
_cell.angle_alpha   90.00
_cell.angle_beta   90.00
_cell.angle_gamma   90.00
#
_symmetry.space_group_name_H-M   'P 21 21 21'
#
loop_
_entity.id
_entity.type
_entity.pdbx_description
1 polymer 'yuaD protein'
2 non-polymer 'SULFATE ION'
3 non-polymer 'CHLORIDE ION'
4 water water
#
_entity_poly.entity_id   1
_entity_poly.type   'polypeptide(L)'
_entity_poly.pdbx_seq_one_letter_code
;SNA(MSE)WKR(MSE)TAKAEGLYIADTKSFVTKQ(MSE)DKLDFDYGGIPGDLHFGLTKKAGAREP(MSE)FSRGTEIF
NRRQISIVSIEECNEIALK(MSE)GVPRILPEWLGANVAVSG(MSE)PDLTSLKEGSRIIFPSGAALLCEGENDPCIQPG
EVIQSYYPDQPKLASAFVRHALGIRGIVCIVERPGAVYTGDEIEVHSYQRKVKRKAERV
;
_entity_poly.pdbx_strand_id   A,B
#
loop_
_chem_comp.id
_chem_comp.type
_chem_comp.name
_chem_comp.formula
CL non-polymer 'CHLORIDE ION' 'Cl -1'
SO4 non-polymer 'SULFATE ION' 'O4 S -2'
#
# COMPACT_ATOMS: atom_id res chain seq x y z
N MSE A 4 13.60 -10.53 -4.99
CA MSE A 4 12.53 -9.55 -5.30
C MSE A 4 12.75 -8.26 -4.49
O MSE A 4 11.91 -7.36 -4.50
CB MSE A 4 11.16 -10.13 -4.95
CG MSE A 4 11.06 -10.60 -3.51
SE MSE A 4 9.33 -11.33 -3.08
CE MSE A 4 8.60 -9.84 -2.10
N TRP A 5 13.90 -8.21 -3.82
CA TRP A 5 14.27 -7.06 -2.99
C TRP A 5 15.67 -6.59 -3.33
N LYS A 6 15.80 -5.50 -4.08
CA LYS A 6 17.12 -4.99 -4.40
C LYS A 6 17.41 -3.83 -3.45
N ARG A 7 18.52 -3.90 -2.74
CA ARG A 7 18.87 -2.86 -1.79
C ARG A 7 19.82 -1.80 -2.32
N MSE A 8 19.57 -0.55 -1.93
N MSE A 8 19.60 -0.56 -1.90
CA MSE A 8 20.39 0.58 -2.35
CA MSE A 8 20.45 0.55 -2.30
C MSE A 8 20.42 1.63 -1.24
C MSE A 8 20.48 1.56 -1.18
O MSE A 8 19.48 1.74 -0.44
O MSE A 8 19.59 1.59 -0.33
CB MSE A 8 19.82 1.19 -3.64
CB MSE A 8 19.92 1.20 -3.58
CG MSE A 8 18.36 1.63 -3.54
CG MSE A 8 18.57 1.84 -3.44
SE MSE A 8 17.59 2.07 -5.26
SE MSE A 8 18.50 3.47 -4.44
CE MSE A 8 16.95 0.32 -5.75
CE MSE A 8 19.11 4.67 -3.06
N THR A 9 21.52 2.39 -1.17
CA THR A 9 21.66 3.42 -0.16
C THR A 9 21.42 4.80 -0.75
N ALA A 10 20.68 5.63 -0.01
CA ALA A 10 20.40 7.00 -0.43
C ALA A 10 20.50 7.88 0.81
N LYS A 11 20.03 9.12 0.69
CA LYS A 11 20.13 10.07 1.79
C LYS A 11 18.92 10.97 1.95
N ALA A 12 18.59 11.26 3.20
CA ALA A 12 17.48 12.17 3.50
C ALA A 12 18.14 13.54 3.65
N GLU A 13 18.06 14.36 2.59
CA GLU A 13 18.66 15.70 2.59
C GLU A 13 17.91 16.67 3.49
N GLY A 14 16.58 16.53 3.52
CA GLY A 14 15.78 17.43 4.33
C GLY A 14 14.52 16.79 4.89
N LEU A 15 14.10 17.29 6.05
CA LEU A 15 12.90 16.81 6.73
C LEU A 15 12.03 18.04 6.94
N TYR A 16 10.72 17.90 6.79
CA TYR A 16 9.81 19.04 6.93
C TYR A 16 8.46 18.64 7.52
N ILE A 17 7.81 19.59 8.19
CA ILE A 17 6.52 19.31 8.79
C ILE A 17 5.50 20.40 8.44
N ALA A 18 4.23 20.00 8.35
CA ALA A 18 3.15 20.94 8.08
C ALA A 18 2.45 21.07 9.43
N ASP A 19 2.89 22.04 10.23
CA ASP A 19 2.34 22.21 11.57
C ASP A 19 1.10 23.09 11.65
N THR A 20 0.66 23.61 10.51
CA THR A 20 -0.55 24.44 10.47
C THR A 20 -1.46 23.88 9.38
N LYS A 21 -2.47 24.65 9.00
CA LYS A 21 -3.41 24.23 7.96
C LYS A 21 -2.79 24.32 6.57
N SER A 22 -1.70 25.07 6.44
CA SER A 22 -1.01 25.21 5.16
C SER A 22 -0.28 23.92 4.79
N PHE A 23 -0.29 23.55 3.52
CA PHE A 23 0.40 22.33 3.14
C PHE A 23 1.87 22.58 2.82
N VAL A 24 2.26 23.86 2.79
CA VAL A 24 3.66 24.19 2.56
C VAL A 24 4.35 23.89 3.88
N THR A 25 5.28 22.94 3.84
CA THR A 25 5.99 22.50 5.03
C THR A 25 7.18 23.37 5.42
N LYS A 26 7.67 23.19 6.64
CA LYS A 26 8.82 23.94 7.13
C LYS A 26 9.89 22.96 7.60
N GLN A 27 11.14 23.26 7.25
CA GLN A 27 12.25 22.38 7.59
C GLN A 27 12.50 22.20 9.09
N MSE A 28 12.81 20.96 9.46
CA MSE A 28 13.08 20.57 10.83
C MSE A 28 14.38 19.80 10.86
O MSE A 28 14.78 19.19 9.85
CB MSE A 28 11.97 19.66 11.36
CG MSE A 28 10.58 20.26 11.37
SE MSE A 28 10.40 21.65 12.70
CE MSE A 28 10.31 20.54 14.29
N ASP A 29 15.05 19.79 12.01
N ASP A 29 15.06 19.80 12.00
CA ASP A 29 16.30 19.06 12.14
CA ASP A 29 16.31 19.05 12.12
C ASP A 29 15.98 17.60 12.44
C ASP A 29 15.99 17.59 12.44
N LYS A 30 14.78 17.36 12.96
CA LYS A 30 14.36 16.01 13.31
C LYS A 30 12.85 15.86 13.19
N LEU A 31 12.41 14.62 12.95
CA LEU A 31 10.99 14.30 12.85
C LEU A 31 10.75 12.97 13.53
N ASP A 32 9.57 12.83 14.13
CA ASP A 32 9.21 11.57 14.75
C ASP A 32 8.22 10.89 13.84
N PHE A 33 8.48 9.63 13.49
CA PHE A 33 7.57 8.86 12.66
C PHE A 33 6.88 7.90 13.62
N ASP A 34 5.56 7.84 13.53
CA ASP A 34 4.79 6.94 14.38
C ASP A 34 3.65 6.43 13.50
N TYR A 35 2.95 5.40 13.95
CA TYR A 35 1.83 4.90 13.16
C TYR A 35 0.90 6.08 12.92
N GLY A 36 0.57 6.35 11.66
CA GLY A 36 -0.30 7.47 11.36
C GLY A 36 0.46 8.62 10.71
N GLY A 37 1.78 8.62 10.87
CA GLY A 37 2.59 9.66 10.27
C GLY A 37 3.44 10.43 11.27
N ILE A 38 3.55 11.74 11.05
CA ILE A 38 4.33 12.63 11.91
C ILE A 38 3.41 13.33 12.92
N PRO A 39 3.56 13.03 14.22
CA PRO A 39 2.69 13.69 15.20
C PRO A 39 2.74 15.21 15.04
N GLY A 40 1.58 15.85 15.03
CA GLY A 40 1.53 17.29 14.89
C GLY A 40 1.52 17.77 13.45
N ASP A 41 1.71 16.84 12.52
CA ASP A 41 1.72 17.17 11.10
C ASP A 41 0.30 17.22 10.54
N LEU A 42 0.13 17.99 9.47
CA LEU A 42 -1.17 18.15 8.82
C LEU A 42 -1.79 16.85 8.31
N HIS A 43 -0.96 15.89 7.94
CA HIS A 43 -1.48 14.62 7.43
C HIS A 43 -1.34 13.44 8.39
N PHE A 44 -1.19 13.72 9.67
CA PHE A 44 -1.06 12.68 10.69
C PHE A 44 -2.41 12.08 11.05
N GLY A 45 -2.45 10.77 11.27
CA GLY A 45 -3.69 10.15 11.66
C GLY A 45 -4.01 8.81 11.01
N LEU A 46 -4.89 8.07 11.67
CA LEU A 46 -5.34 6.76 11.22
C LEU A 46 -6.26 6.96 10.01
N THR A 47 -7.03 8.05 10.03
CA THR A 47 -7.97 8.31 8.95
C THR A 47 -7.80 9.68 8.31
N LYS A 48 -8.51 9.88 7.21
CA LYS A 48 -8.51 11.14 6.49
C LYS A 48 -9.85 11.24 5.76
N LYS A 49 -10.16 12.42 5.25
CA LYS A 49 -11.40 12.63 4.51
C LYS A 49 -11.09 12.44 3.03
N ALA A 50 -11.95 11.70 2.34
CA ALA A 50 -11.75 11.43 0.92
C ALA A 50 -11.86 12.71 0.10
N GLY A 51 -11.08 12.78 -0.97
CA GLY A 51 -11.11 13.94 -1.83
C GLY A 51 -10.92 13.54 -3.28
N ALA A 52 -10.36 14.45 -4.07
CA ALA A 52 -10.12 14.21 -5.48
C ALA A 52 -9.16 13.05 -5.74
N ARG A 53 -8.29 12.76 -4.76
CA ARG A 53 -7.34 11.66 -4.92
C ARG A 53 -7.98 10.29 -4.74
N GLU A 54 -9.12 10.26 -4.06
CA GLU A 54 -9.84 9.01 -3.83
C GLU A 54 -11.26 9.22 -4.38
N PRO A 55 -11.39 9.34 -5.71
CA PRO A 55 -12.66 9.56 -6.40
C PRO A 55 -13.73 8.48 -6.27
N MSE A 56 -13.35 7.28 -5.82
CA MSE A 56 -14.33 6.20 -5.66
C MSE A 56 -15.17 6.37 -4.39
O MSE A 56 -16.10 5.61 -4.14
CB MSE A 56 -13.64 4.83 -5.65
CG MSE A 56 -12.70 4.58 -4.49
SE MSE A 56 -10.98 5.48 -4.65
CE MSE A 56 -10.38 4.66 -6.29
N PHE A 57 -14.81 7.35 -3.57
CA PHE A 57 -15.53 7.63 -2.34
C PHE A 57 -16.20 8.99 -2.46
N SER A 58 -17.28 9.20 -1.72
CA SER A 58 -17.94 10.48 -1.73
C SER A 58 -17.02 11.46 -1.01
N ARG A 59 -16.88 12.66 -1.55
N ARG A 59 -16.89 12.66 -1.56
CA ARG A 59 -16.03 13.67 -0.96
CA ARG A 59 -16.04 13.69 -0.96
C ARG A 59 -16.37 13.82 0.53
C ARG A 59 -16.38 13.83 0.53
N GLY A 60 -15.35 13.82 1.37
CA GLY A 60 -15.57 13.95 2.81
C GLY A 60 -15.73 12.65 3.58
N THR A 61 -15.87 11.53 2.86
CA THR A 61 -16.02 10.23 3.50
C THR A 61 -14.78 9.89 4.32
N GLU A 62 -14.95 9.43 5.55
CA GLU A 62 -13.80 9.07 6.36
C GLU A 62 -13.24 7.73 5.90
N ILE A 63 -11.96 7.73 5.54
CA ILE A 63 -11.28 6.52 5.08
C ILE A 63 -9.91 6.43 5.74
N PHE A 64 -9.28 5.27 5.57
CA PHE A 64 -7.96 5.06 6.14
C PHE A 64 -6.97 6.06 5.52
N ASN A 65 -6.05 6.55 6.33
CA ASN A 65 -5.06 7.53 5.85
C ASN A 65 -3.83 6.85 5.26
N ARG A 66 -3.87 6.67 3.95
CA ARG A 66 -2.82 6.02 3.18
C ARG A 66 -1.65 6.96 2.87
N ARG A 67 -1.93 8.25 2.78
CA ARG A 67 -0.91 9.24 2.47
C ARG A 67 -0.37 9.91 3.74
N GLN A 68 0.36 9.13 4.54
CA GLN A 68 0.92 9.62 5.80
C GLN A 68 2.19 10.43 5.66
N ILE A 69 3.07 10.02 4.74
CA ILE A 69 4.34 10.72 4.55
C ILE A 69 4.56 10.97 3.06
N SER A 70 4.97 12.19 2.73
CA SER A 70 5.23 12.55 1.34
C SER A 70 6.72 12.69 1.11
N ILE A 71 7.22 12.06 0.06
CA ILE A 71 8.65 12.11 -0.25
C ILE A 71 8.94 12.57 -1.69
N VAL A 72 9.95 13.41 -1.83
CA VAL A 72 10.38 13.87 -3.16
C VAL A 72 11.91 13.75 -3.20
N SER A 73 12.48 13.66 -4.39
CA SER A 73 13.92 13.57 -4.47
C SER A 73 14.42 14.90 -5.04
N ILE A 74 15.58 15.32 -4.56
CA ILE A 74 16.19 16.57 -5.03
C ILE A 74 16.37 16.51 -6.54
N GLU A 75 16.82 15.35 -7.03
CA GLU A 75 17.04 15.17 -8.47
C GLU A 75 15.77 15.40 -9.30
N GLU A 76 14.66 14.79 -8.88
CA GLU A 76 13.41 14.97 -9.63
C GLU A 76 12.88 16.40 -9.51
N CYS A 77 13.07 17.05 -8.37
CA CYS A 77 12.60 18.42 -8.20
C CYS A 77 13.37 19.32 -9.16
N ASN A 78 14.66 19.05 -9.34
CA ASN A 78 15.47 19.83 -10.26
C ASN A 78 14.96 19.58 -11.68
N GLU A 79 14.53 18.36 -11.92
CA GLU A 79 14.01 17.98 -13.23
C GLU A 79 12.74 18.77 -13.52
N ILE A 80 11.87 18.90 -12.53
CA ILE A 80 10.63 19.65 -12.69
C ILE A 80 10.99 21.11 -12.99
N ALA A 81 11.93 21.66 -12.21
CA ALA A 81 12.37 23.04 -12.40
C ALA A 81 12.77 23.30 -13.84
N LEU A 82 13.62 22.44 -14.38
CA LEU A 82 14.07 22.59 -15.77
C LEU A 82 12.91 22.56 -16.75
N LYS A 83 12.02 21.59 -16.60
CA LYS A 83 10.88 21.46 -17.49
C LYS A 83 9.95 22.67 -17.42
N MSE A 84 9.87 23.30 -16.25
CA MSE A 84 9.01 24.45 -16.08
C MSE A 84 9.70 25.77 -16.44
O MSE A 84 9.06 26.81 -16.56
CB MSE A 84 8.51 24.54 -14.65
CG MSE A 84 7.52 23.44 -14.27
SE MSE A 84 6.95 23.67 -12.47
CE MSE A 84 5.78 25.20 -12.72
N GLY A 85 11.02 25.71 -16.59
CA GLY A 85 11.76 26.91 -16.93
C GLY A 85 11.98 27.84 -15.75
N VAL A 86 12.01 27.29 -14.54
CA VAL A 86 12.24 28.09 -13.33
C VAL A 86 13.56 27.66 -12.69
N PRO A 87 14.22 28.59 -11.99
CA PRO A 87 15.51 28.32 -11.32
C PRO A 87 15.51 27.22 -10.26
N ARG A 88 14.42 27.08 -9.52
CA ARG A 88 14.38 26.06 -8.50
C ARG A 88 12.98 25.71 -8.00
N ILE A 89 12.85 24.49 -7.47
CA ILE A 89 11.60 24.00 -6.92
C ILE A 89 11.96 23.44 -5.54
N LEU A 90 11.45 24.07 -4.48
CA LEU A 90 11.74 23.62 -3.13
C LEU A 90 10.77 22.56 -2.64
N PRO A 91 11.29 21.53 -1.94
CA PRO A 91 10.41 20.47 -1.44
C PRO A 91 9.25 21.02 -0.61
N GLU A 92 9.52 22.10 0.12
CA GLU A 92 8.51 22.73 0.97
C GLU A 92 7.27 23.14 0.18
N TRP A 93 7.49 23.69 -1.01
CA TRP A 93 6.39 24.14 -1.86
C TRP A 93 5.50 22.99 -2.28
N LEU A 94 6.07 21.78 -2.33
CA LEU A 94 5.31 20.61 -2.73
C LEU A 94 4.73 19.89 -1.52
N GLY A 95 4.93 20.47 -0.34
CA GLY A 95 4.42 19.87 0.89
C GLY A 95 5.10 18.56 1.26
N ALA A 96 6.34 18.39 0.83
CA ALA A 96 7.08 17.16 1.14
C ALA A 96 7.51 17.12 2.61
N ASN A 97 7.61 15.90 3.15
CA ASN A 97 8.04 15.71 4.53
C ASN A 97 9.50 15.25 4.52
N VAL A 98 9.90 14.63 3.43
CA VAL A 98 11.26 14.16 3.29
C VAL A 98 11.74 14.43 1.87
N ALA A 99 12.93 15.02 1.77
CA ALA A 99 13.53 15.28 0.47
C ALA A 99 14.77 14.40 0.46
N VAL A 100 14.83 13.47 -0.47
CA VAL A 100 15.97 12.56 -0.56
C VAL A 100 16.88 12.89 -1.74
N SER A 101 18.13 12.45 -1.65
CA SER A 101 19.08 12.63 -2.74
C SER A 101 19.62 11.24 -3.05
N GLY A 102 20.06 11.04 -4.28
CA GLY A 102 20.55 9.74 -4.66
C GLY A 102 19.45 8.87 -5.22
N MSE A 103 18.29 9.48 -5.49
N MSE A 103 18.29 9.48 -5.47
CA MSE A 103 17.16 8.74 -6.03
CA MSE A 103 17.12 8.78 -6.01
C MSE A 103 16.54 9.48 -7.21
C MSE A 103 16.53 9.52 -7.21
O MSE A 103 15.40 9.96 -7.13
O MSE A 103 15.42 10.05 -7.14
CB MSE A 103 16.13 8.49 -4.94
CB MSE A 103 16.06 8.66 -4.92
CG MSE A 103 16.70 7.71 -3.76
CG MSE A 103 16.46 7.79 -3.73
SE MSE A 103 15.36 7.11 -2.52
SE MSE A 103 16.69 5.95 -4.21
CE MSE A 103 14.59 5.70 -3.59
CE MSE A 103 14.87 5.34 -3.93
N PRO A 104 17.28 9.58 -8.33
CA PRO A 104 16.80 10.27 -9.54
C PRO A 104 15.53 9.68 -10.16
N ASP A 105 15.17 8.47 -9.76
N ASP A 105 15.17 8.47 -9.76
CA ASP A 105 13.97 7.82 -10.27
CA ASP A 105 13.96 7.82 -10.28
C ASP A 105 13.05 7.40 -9.14
C ASP A 105 13.05 7.39 -9.13
N LEU A 106 13.04 8.19 -8.07
CA LEU A 106 12.22 7.92 -6.90
C LEU A 106 10.77 7.62 -7.19
N THR A 107 10.18 8.41 -8.08
CA THR A 107 8.78 8.24 -8.40
C THR A 107 8.43 6.84 -8.91
N SER A 108 9.42 6.14 -9.46
CA SER A 108 9.19 4.79 -9.96
C SER A 108 9.29 3.70 -8.90
N LEU A 109 9.68 4.05 -7.68
CA LEU A 109 9.81 3.06 -6.61
C LEU A 109 8.46 2.35 -6.45
N LYS A 110 8.45 1.04 -6.65
CA LYS A 110 7.20 0.29 -6.56
C LYS A 110 6.57 0.16 -5.18
N GLU A 111 5.25 0.06 -5.17
CA GLU A 111 4.51 -0.11 -3.92
C GLU A 111 5.05 -1.39 -3.28
N GLY A 112 5.22 -1.38 -1.96
CA GLY A 112 5.75 -2.57 -1.29
C GLY A 112 7.22 -2.39 -0.94
N SER A 113 7.86 -1.40 -1.55
CA SER A 113 9.26 -1.11 -1.27
C SER A 113 9.30 -0.48 0.11
N ARG A 114 10.46 -0.57 0.77
CA ARG A 114 10.65 0.01 2.09
C ARG A 114 11.83 0.96 2.10
N ILE A 115 11.72 2.01 2.91
CA ILE A 115 12.80 2.99 3.10
C ILE A 115 13.05 2.98 4.61
N ILE A 116 14.25 2.55 5.00
CA ILE A 116 14.58 2.44 6.42
C ILE A 116 15.69 3.39 6.86
N PHE A 117 15.47 4.03 8.00
CA PHE A 117 16.39 4.99 8.58
C PHE A 117 17.29 4.34 9.65
N PRO A 118 18.39 5.00 10.04
CA PRO A 118 19.32 4.44 11.05
C PRO A 118 18.68 4.08 12.38
N SER A 119 17.63 4.81 12.76
CA SER A 119 16.95 4.56 14.02
C SER A 119 16.08 3.31 13.95
N GLY A 120 15.78 2.87 12.74
CA GLY A 120 14.94 1.71 12.56
C GLY A 120 13.60 2.16 11.99
N ALA A 121 13.33 3.45 12.04
CA ALA A 121 12.07 3.97 11.48
C ALA A 121 11.99 3.47 10.05
N ALA A 122 10.80 3.03 9.64
CA ALA A 122 10.63 2.51 8.29
C ALA A 122 9.36 2.99 7.60
N LEU A 123 9.48 3.29 6.32
CA LEU A 123 8.36 3.74 5.51
C LEU A 123 7.99 2.68 4.47
N LEU A 124 6.68 2.46 4.31
CA LEU A 124 6.17 1.51 3.33
C LEU A 124 5.71 2.33 2.14
N CYS A 125 6.25 2.04 0.96
CA CYS A 125 5.87 2.81 -0.23
C CYS A 125 4.44 2.54 -0.70
N GLU A 126 3.65 3.61 -0.82
CA GLU A 126 2.28 3.50 -1.30
C GLU A 126 2.10 4.10 -2.70
N GLY A 127 3.18 4.13 -3.47
CA GLY A 127 3.09 4.61 -4.84
C GLY A 127 3.25 6.07 -5.16
N GLU A 128 3.05 6.37 -6.44
CA GLU A 128 3.20 7.73 -6.96
C GLU A 128 2.25 8.74 -6.38
N ASN A 129 2.76 9.95 -6.18
CA ASN A 129 1.95 11.04 -5.67
C ASN A 129 1.56 11.82 -6.94
N ASP A 130 0.29 11.73 -7.31
N ASP A 130 0.28 11.74 -7.30
CA ASP A 130 -0.21 12.41 -8.50
CA ASP A 130 -0.22 12.41 -8.48
C ASP A 130 -0.23 13.92 -8.30
C ASP A 130 -0.23 13.93 -8.30
N PRO A 131 0.36 14.67 -9.24
CA PRO A 131 0.40 16.14 -9.14
C PRO A 131 -0.95 16.83 -9.34
N CYS A 132 -1.27 17.74 -8.41
N CYS A 132 -1.27 17.74 -8.43
CA CYS A 132 -2.51 18.50 -8.46
CA CYS A 132 -2.52 18.50 -8.53
C CYS A 132 -2.17 19.98 -8.66
C CYS A 132 -2.17 19.96 -8.74
N ILE A 133 -3.19 20.80 -8.92
CA ILE A 133 -2.98 22.22 -9.16
C ILE A 133 -2.45 23.09 -8.00
N GLN A 134 -2.83 22.77 -6.77
N GLN A 134 -2.83 22.77 -6.77
CA GLN A 134 -2.41 23.55 -5.61
CA GLN A 134 -2.42 23.56 -5.61
C GLN A 134 -0.93 23.89 -5.56
C GLN A 134 -0.93 23.89 -5.56
N PRO A 135 -0.05 22.87 -5.55
CA PRO A 135 1.40 23.15 -5.49
C PRO A 135 1.82 24.01 -6.68
N GLY A 136 1.16 23.80 -7.81
CA GLY A 136 1.48 24.56 -9.00
C GLY A 136 1.20 26.04 -8.78
N GLU A 137 0.12 26.34 -8.08
CA GLU A 137 -0.26 27.71 -7.79
C GLU A 137 0.73 28.32 -6.80
N VAL A 138 1.30 27.48 -5.95
CA VAL A 138 2.29 27.94 -4.97
C VAL A 138 3.56 28.30 -5.74
N ILE A 139 3.97 27.44 -6.65
CA ILE A 139 5.16 27.70 -7.45
C ILE A 139 4.96 28.99 -8.25
N GLN A 140 3.75 29.19 -8.74
CA GLN A 140 3.43 30.38 -9.51
C GLN A 140 3.67 31.64 -8.68
N SER A 141 3.30 31.61 -7.41
CA SER A 141 3.47 32.77 -6.55
C SER A 141 4.94 33.17 -6.35
N TYR A 142 5.86 32.25 -6.56
CA TYR A 142 7.29 32.55 -6.41
C TYR A 142 7.89 33.06 -7.71
N TYR A 143 7.14 32.91 -8.80
CA TYR A 143 7.59 33.37 -10.11
C TYR A 143 6.39 33.99 -10.82
N PRO A 144 5.77 35.00 -10.19
CA PRO A 144 4.59 35.68 -10.74
C PRO A 144 4.77 36.32 -12.12
N ASP A 145 6.02 36.56 -12.52
CA ASP A 145 6.28 37.16 -13.81
C ASP A 145 6.36 36.14 -14.94
N GLN A 146 6.09 34.88 -14.61
CA GLN A 146 6.11 33.80 -15.61
C GLN A 146 4.71 33.22 -15.72
N PRO A 147 4.14 33.22 -16.94
CA PRO A 147 2.79 32.72 -17.23
C PRO A 147 2.49 31.22 -17.14
N LYS A 148 1.24 30.95 -16.78
CA LYS A 148 0.69 29.59 -16.67
C LYS A 148 1.58 28.52 -16.04
N LEU A 149 2.22 28.85 -14.93
CA LEU A 149 3.08 27.88 -14.28
C LEU A 149 2.30 26.79 -13.53
N ALA A 150 1.11 27.12 -13.03
CA ALA A 150 0.32 26.14 -12.31
C ALA A 150 -0.01 24.94 -13.20
N SER A 151 -0.53 25.21 -14.39
CA SER A 151 -0.86 24.13 -15.31
C SER A 151 0.42 23.48 -15.81
N ALA A 152 1.49 24.27 -15.89
CA ALA A 152 2.77 23.76 -16.34
C ALA A 152 3.30 22.71 -15.37
N PHE A 153 3.07 22.94 -14.08
CA PHE A 153 3.51 22.00 -13.05
C PHE A 153 2.77 20.66 -13.21
N VAL A 154 1.45 20.74 -13.29
CA VAL A 154 0.64 19.53 -13.44
C VAL A 154 1.09 18.69 -14.63
N ARG A 155 1.46 19.36 -15.70
CA ARG A 155 1.92 18.70 -16.91
C ARG A 155 3.32 18.11 -16.80
N HIS A 156 4.28 18.93 -16.40
CA HIS A 156 5.66 18.48 -16.30
C HIS A 156 6.06 17.68 -15.06
N ALA A 157 5.24 17.72 -14.01
CA ALA A 157 5.57 17.00 -12.78
C ALA A 157 5.12 15.54 -12.81
N LEU A 158 4.21 15.23 -13.73
CA LEU A 158 3.70 13.86 -13.84
C LEU A 158 4.86 12.88 -14.04
N GLY A 159 4.90 11.86 -13.18
CA GLY A 159 5.96 10.86 -13.28
C GLY A 159 7.23 11.18 -12.54
N ILE A 160 7.33 12.40 -11.99
CA ILE A 160 8.52 12.81 -11.25
C ILE A 160 8.14 13.69 -10.07
N ARG A 161 6.95 13.48 -9.51
CA ARG A 161 6.53 14.30 -8.39
C ARG A 161 6.70 13.61 -7.03
N GLY A 162 7.33 12.44 -7.03
CA GLY A 162 7.55 11.74 -5.78
C GLY A 162 6.53 10.68 -5.41
N ILE A 163 6.63 10.17 -4.18
CA ILE A 163 5.76 9.13 -3.68
C ILE A 163 5.17 9.46 -2.32
N VAL A 164 4.21 8.63 -1.90
CA VAL A 164 3.60 8.76 -0.58
C VAL A 164 3.82 7.43 0.12
N CYS A 165 3.92 7.46 1.44
CA CYS A 165 4.17 6.28 2.24
C CYS A 165 3.36 6.22 3.53
N ILE A 166 3.30 5.02 4.09
CA ILE A 166 2.65 4.77 5.37
C ILE A 166 3.82 4.49 6.31
N VAL A 167 3.71 4.84 7.59
CA VAL A 167 4.79 4.54 8.53
C VAL A 167 4.63 3.06 8.91
N GLU A 168 5.62 2.24 8.56
CA GLU A 168 5.59 0.82 8.86
C GLU A 168 6.21 0.50 10.22
N ARG A 169 7.18 1.31 10.64
CA ARG A 169 7.81 1.12 11.94
C ARG A 169 8.19 2.49 12.49
N PRO A 170 7.76 2.79 13.73
CA PRO A 170 8.05 4.07 14.37
C PRO A 170 9.54 4.30 14.66
N GLY A 171 9.91 5.57 14.77
CA GLY A 171 11.29 5.91 15.05
C GLY A 171 11.60 7.34 14.66
N ALA A 172 12.70 7.87 15.17
CA ALA A 172 13.09 9.25 14.87
C ALA A 172 13.96 9.29 13.61
N VAL A 173 13.84 10.37 12.85
CA VAL A 173 14.64 10.55 11.65
C VAL A 173 15.33 11.91 11.77
N TYR A 174 16.55 12.00 11.28
CA TYR A 174 17.36 13.21 11.39
C TYR A 174 17.90 13.70 10.05
N THR A 175 18.10 15.01 9.94
CA THR A 175 18.63 15.61 8.73
C THR A 175 19.95 14.95 8.31
N GLY A 176 20.06 14.58 7.04
CA GLY A 176 21.28 13.95 6.56
C GLY A 176 21.39 12.45 6.76
N ASP A 177 20.37 11.86 7.37
CA ASP A 177 20.37 10.42 7.60
C ASP A 177 20.60 9.63 6.31
N GLU A 178 21.43 8.61 6.40
CA GLU A 178 21.67 7.74 5.25
C GLU A 178 20.50 6.75 5.32
N ILE A 179 19.83 6.52 4.20
CA ILE A 179 18.70 5.60 4.22
C ILE A 179 18.96 4.36 3.38
N GLU A 180 18.30 3.28 3.76
CA GLU A 180 18.42 2.00 3.09
C GLU A 180 17.11 1.77 2.34
N VAL A 181 17.18 1.70 1.01
CA VAL A 181 15.98 1.47 0.22
C VAL A 181 15.90 0.03 -0.22
N HIS A 182 14.78 -0.62 0.08
CA HIS A 182 14.53 -2.00 -0.32
C HIS A 182 13.50 -1.91 -1.43
N SER A 183 13.99 -1.94 -2.66
CA SER A 183 13.13 -1.81 -3.84
C SER A 183 12.45 -3.11 -4.22
N TYR A 184 11.12 -3.10 -4.20
CA TYR A 184 10.32 -4.28 -4.53
C TYR A 184 10.40 -4.63 -6.01
N GLN A 185 10.49 -5.93 -6.31
CA GLN A 185 10.57 -6.42 -7.68
C GLN A 185 9.43 -7.37 -8.04
N MSE B 4 -7.31 6.69 -15.23
CA MSE B 4 -6.37 6.08 -14.25
C MSE B 4 -7.03 4.93 -13.50
O MSE B 4 -6.35 4.04 -12.98
CB MSE B 4 -5.88 7.14 -13.25
CG MSE B 4 -4.78 6.67 -12.33
SE MSE B 4 -4.10 8.05 -11.16
CE MSE B 4 -5.01 7.58 -9.54
N TRP B 5 -8.36 4.95 -13.45
CA TRP B 5 -9.13 3.90 -12.78
C TRP B 5 -10.13 3.27 -13.73
N LYS B 6 -10.19 1.95 -13.74
CA LYS B 6 -11.13 1.21 -14.58
C LYS B 6 -12.10 0.50 -13.65
N ARG B 7 -13.40 0.70 -13.86
CA ARG B 7 -14.40 0.05 -13.01
C ARG B 7 -14.76 -1.32 -13.56
N MSE B 8 -14.89 -2.30 -12.67
CA MSE B 8 -15.26 -3.66 -13.04
C MSE B 8 -16.17 -4.16 -11.95
O MSE B 8 -16.17 -3.62 -10.83
CB MSE B 8 -14.03 -4.56 -13.10
CG MSE B 8 -12.82 -3.97 -13.76
SE MSE B 8 -11.31 -5.14 -13.54
CE MSE B 8 -11.01 -5.60 -15.39
N THR B 9 -16.95 -5.18 -12.25
CA THR B 9 -17.86 -5.75 -11.27
C THR B 9 -17.51 -7.20 -11.03
N ALA B 10 -17.58 -7.62 -9.77
CA ALA B 10 -17.26 -8.99 -9.40
C ALA B 10 -18.27 -9.40 -8.34
N LYS B 11 -18.10 -10.59 -7.77
CA LYS B 11 -19.02 -11.06 -6.76
C LYS B 11 -18.28 -11.77 -5.62
N ALA B 12 -18.72 -11.53 -4.39
CA ALA B 12 -18.11 -12.17 -3.24
C ALA B 12 -18.82 -13.51 -3.06
N GLU B 13 -18.20 -14.59 -3.53
CA GLU B 13 -18.79 -15.93 -3.44
C GLU B 13 -18.70 -16.50 -2.03
N GLY B 14 -17.63 -16.17 -1.32
CA GLY B 14 -17.47 -16.66 0.04
C GLY B 14 -16.75 -15.68 0.94
N LEU B 15 -17.07 -15.73 2.23
CA LEU B 15 -16.45 -14.90 3.25
C LEU B 15 -16.00 -15.90 4.32
N TYR B 16 -14.82 -15.68 4.88
CA TYR B 16 -14.27 -16.62 5.87
C TYR B 16 -13.46 -15.90 6.94
N ILE B 17 -13.43 -16.48 8.13
CA ILE B 17 -12.69 -15.90 9.24
C ILE B 17 -11.84 -16.97 9.91
N ALA B 18 -10.71 -16.55 10.47
CA ALA B 18 -9.81 -17.45 11.17
C ALA B 18 -9.99 -17.10 12.63
N ASP B 19 -10.90 -17.80 13.29
CA ASP B 19 -11.21 -17.54 14.68
C ASP B 19 -10.39 -18.34 15.70
N THR B 20 -9.43 -19.12 15.21
CA THR B 20 -8.57 -19.89 16.11
C THR B 20 -7.12 -19.51 15.82
N LYS B 21 -6.17 -20.25 16.38
CA LYS B 21 -4.76 -19.97 16.13
C LYS B 21 -4.32 -20.46 14.75
N SER B 22 -5.18 -21.27 14.12
CA SER B 22 -4.89 -21.81 12.79
C SER B 22 -5.28 -20.77 11.74
N PHE B 23 -4.48 -20.64 10.69
CA PHE B 23 -4.77 -19.68 9.63
C PHE B 23 -5.90 -20.22 8.74
N VAL B 24 -6.19 -21.52 8.82
CA VAL B 24 -7.26 -22.09 8.02
C VAL B 24 -8.56 -21.42 8.44
N THR B 25 -9.30 -20.87 7.48
CA THR B 25 -10.53 -20.16 7.79
C THR B 25 -11.80 -20.99 7.68
N LYS B 26 -12.91 -20.43 8.18
CA LYS B 26 -14.20 -21.10 8.11
C LYS B 26 -15.23 -20.12 7.56
N GLN B 27 -16.16 -20.65 6.77
N GLN B 27 -16.14 -20.63 6.73
CA GLN B 27 -17.21 -19.86 6.14
CA GLN B 27 -17.14 -19.78 6.10
C GLN B 27 -18.11 -19.07 7.08
C GLN B 27 -18.07 -19.06 7.07
N MSE B 28 -18.35 -17.80 6.73
CA MSE B 28 -19.22 -16.94 7.52
C MSE B 28 -20.17 -16.27 6.54
O MSE B 28 -19.78 -15.89 5.43
CB MSE B 28 -18.40 -15.87 8.25
CG MSE B 28 -17.51 -16.40 9.36
SE MSE B 28 -18.50 -17.23 10.82
CE MSE B 28 -18.76 -15.65 11.90
N ASP B 29 -21.43 -16.12 6.92
CA ASP B 29 -22.39 -15.49 6.05
C ASP B 29 -22.15 -13.97 6.02
N LYS B 30 -21.60 -13.46 7.10
CA LYS B 30 -21.33 -12.02 7.23
C LYS B 30 -20.02 -11.74 7.95
N LEU B 31 -19.34 -10.67 7.55
CA LEU B 31 -18.10 -10.26 8.22
C LEU B 31 -18.15 -8.76 8.43
N ASP B 32 -17.50 -8.31 9.49
CA ASP B 32 -17.40 -6.88 9.76
C ASP B 32 -15.96 -6.48 9.46
N PHE B 33 -15.81 -5.45 8.63
CA PHE B 33 -14.49 -4.94 8.28
C PHE B 33 -14.32 -3.64 9.07
N ASP B 34 -13.18 -3.48 9.70
CA ASP B 34 -12.87 -2.28 10.47
C ASP B 34 -11.38 -2.03 10.22
N TYR B 35 -10.87 -0.87 10.61
CA TYR B 35 -9.45 -0.61 10.39
C TYR B 35 -8.67 -1.70 11.14
N GLY B 36 -7.83 -2.43 10.41
CA GLY B 36 -7.06 -3.50 11.02
C GLY B 36 -7.50 -4.86 10.51
N GLY B 37 -8.66 -4.91 9.86
CA GLY B 37 -9.15 -6.17 9.33
C GLY B 37 -10.50 -6.60 9.88
N ILE B 38 -10.61 -7.89 10.17
CA ILE B 38 -11.84 -8.50 10.71
C ILE B 38 -11.69 -8.72 12.22
N PRO B 39 -12.44 -7.96 13.04
CA PRO B 39 -12.32 -8.15 14.49
C PRO B 39 -12.52 -9.62 14.84
N GLY B 40 -11.61 -10.17 15.64
CA GLY B 40 -11.71 -11.57 16.02
C GLY B 40 -10.92 -12.51 15.13
N ASP B 41 -10.48 -12.01 13.99
CA ASP B 41 -9.71 -12.80 13.04
C ASP B 41 -8.24 -12.87 13.46
N LEU B 42 -7.59 -13.98 13.13
CA LEU B 42 -6.19 -14.17 13.48
C LEU B 42 -5.27 -13.02 13.05
N HIS B 43 -5.57 -12.41 11.91
CA HIS B 43 -4.73 -11.33 11.40
C HIS B 43 -5.20 -9.92 11.72
N PHE B 44 -6.22 -9.79 12.55
CA PHE B 44 -6.74 -8.47 12.88
C PHE B 44 -5.76 -7.63 13.70
N GLY B 45 -5.69 -6.34 13.39
CA GLY B 45 -4.82 -5.45 14.13
C GLY B 45 -4.10 -4.42 13.29
N LEU B 46 -3.81 -3.28 13.92
N LEU B 46 -3.82 -3.26 13.89
CA LEU B 46 -3.11 -2.19 13.26
CA LEU B 46 -3.12 -2.22 13.16
C LEU B 46 -1.66 -2.60 13.00
C LEU B 46 -1.66 -2.60 12.99
N THR B 47 -1.19 -3.56 13.78
CA THR B 47 0.19 -4.04 13.66
C THR B 47 0.27 -5.57 13.55
N LYS B 48 1.46 -6.06 13.23
CA LYS B 48 1.71 -7.49 13.11
C LYS B 48 3.18 -7.69 13.42
N LYS B 49 3.61 -8.95 13.50
N LYS B 49 3.60 -8.95 13.49
CA LYS B 49 5.00 -9.25 13.76
CA LYS B 49 5.00 -9.27 13.75
C LYS B 49 5.68 -9.59 12.44
C LYS B 49 5.67 -9.57 12.42
N ALA B 50 6.87 -9.03 12.23
CA ALA B 50 7.62 -9.27 10.99
C ALA B 50 8.01 -10.73 10.87
N GLY B 51 7.97 -11.23 9.64
CA GLY B 51 8.33 -12.61 9.39
C GLY B 51 9.07 -12.73 8.07
N ALA B 52 9.06 -13.93 7.50
CA ALA B 52 9.75 -14.16 6.24
C ALA B 52 9.25 -13.27 5.12
N ARG B 53 8.01 -12.79 5.22
CA ARG B 53 7.44 -11.92 4.18
C ARG B 53 7.99 -10.50 4.22
N GLU B 54 8.51 -10.11 5.36
CA GLU B 54 9.08 -8.76 5.53
C GLU B 54 10.53 -8.94 6.00
N PRO B 55 11.38 -9.54 5.15
CA PRO B 55 12.80 -9.79 5.46
C PRO B 55 13.69 -8.61 5.81
N MSE B 56 13.25 -7.38 5.55
CA MSE B 56 14.07 -6.24 5.89
C MSE B 56 14.00 -5.92 7.39
O MSE B 56 14.68 -5.02 7.88
CB MSE B 56 13.69 -5.00 5.04
CG MSE B 56 12.28 -4.44 5.24
SE MSE B 56 10.87 -5.53 4.46
CE MSE B 56 11.44 -5.54 2.61
N PHE B 57 13.17 -6.68 8.11
CA PHE B 57 13.03 -6.49 9.55
C PHE B 57 13.45 -7.79 10.23
N SER B 58 13.92 -7.72 11.46
CA SER B 58 14.30 -8.94 12.17
C SER B 58 12.97 -9.60 12.57
N ARG B 59 12.96 -10.94 12.56
N ARG B 59 12.95 -10.93 12.54
CA ARG B 59 11.76 -11.69 12.91
CA ARG B 59 11.74 -11.68 12.88
C ARG B 59 11.18 -11.27 14.25
C ARG B 59 11.19 -11.25 14.24
N GLY B 60 9.87 -11.04 14.29
CA GLY B 60 9.23 -10.64 15.52
C GLY B 60 9.09 -9.13 15.73
N THR B 61 9.69 -8.35 14.84
CA THR B 61 9.61 -6.89 14.96
C THR B 61 8.18 -6.43 14.74
N GLU B 62 7.67 -5.56 15.62
CA GLU B 62 6.32 -5.07 15.44
C GLU B 62 6.32 -4.05 14.31
N ILE B 63 5.43 -4.24 13.35
CA ILE B 63 5.32 -3.34 12.20
C ILE B 63 3.87 -3.15 11.81
N PHE B 64 3.62 -2.20 10.92
CA PHE B 64 2.28 -1.92 10.45
C PHE B 64 1.75 -3.19 9.77
N ASN B 65 0.44 -3.44 9.89
CA ASN B 65 -0.17 -4.63 9.30
C ASN B 65 -0.80 -4.31 7.95
N ARG B 66 -0.07 -4.54 6.85
CA ARG B 66 -0.61 -4.26 5.53
C ARG B 66 -1.33 -5.49 4.98
N ARG B 67 -1.27 -6.59 5.73
CA ARG B 67 -1.89 -7.86 5.34
C ARG B 67 -3.10 -8.15 6.22
N GLN B 68 -4.06 -7.23 6.22
CA GLN B 68 -5.25 -7.35 7.04
C GLN B 68 -6.31 -8.31 6.51
N ILE B 69 -6.50 -8.30 5.19
CA ILE B 69 -7.49 -9.15 4.54
C ILE B 69 -6.86 -9.86 3.35
N SER B 70 -7.13 -11.15 3.18
CA SER B 70 -6.57 -11.87 2.04
C SER B 70 -7.72 -12.31 1.13
N ILE B 71 -7.52 -12.14 -0.18
CA ILE B 71 -8.53 -12.46 -1.17
C ILE B 71 -8.00 -13.36 -2.28
N VAL B 72 -8.82 -14.32 -2.69
CA VAL B 72 -8.47 -15.22 -3.79
C VAL B 72 -9.72 -15.33 -4.65
N SER B 73 -9.55 -15.75 -5.90
CA SER B 73 -10.71 -15.91 -6.77
C SER B 73 -10.98 -17.38 -6.98
N ILE B 74 -12.24 -17.72 -7.23
CA ILE B 74 -12.61 -19.11 -7.45
C ILE B 74 -11.84 -19.62 -8.67
N GLU B 75 -11.72 -18.76 -9.68
CA GLU B 75 -11.03 -19.13 -10.92
C GLU B 75 -9.56 -19.48 -10.74
N GLU B 76 -8.83 -18.71 -9.93
CA GLU B 76 -7.42 -19.01 -9.73
C GLU B 76 -7.23 -20.20 -8.80
N CYS B 77 -8.17 -20.43 -7.88
CA CYS B 77 -8.06 -21.61 -7.03
C CYS B 77 -8.23 -22.84 -7.92
N ASN B 78 -9.15 -22.76 -8.89
CA ASN B 78 -9.37 -23.87 -9.81
C ASN B 78 -8.10 -24.08 -10.64
N GLU B 79 -7.46 -22.97 -11.00
CA GLU B 79 -6.22 -23.02 -11.79
C GLU B 79 -5.13 -23.72 -10.99
N ILE B 80 -5.03 -23.40 -9.70
CA ILE B 80 -4.02 -24.03 -8.86
C ILE B 80 -4.30 -25.53 -8.81
N ALA B 81 -5.56 -25.90 -8.59
CA ALA B 81 -5.95 -27.29 -8.52
C ALA B 81 -5.53 -28.04 -9.78
N LEU B 82 -5.82 -27.45 -10.94
CA LEU B 82 -5.46 -28.04 -12.23
C LEU B 82 -3.97 -28.29 -12.35
N LYS B 83 -3.17 -27.26 -12.05
CA LYS B 83 -1.73 -27.36 -12.14
C LYS B 83 -1.15 -28.34 -11.12
N MSE B 84 -1.83 -28.52 -10.00
CA MSE B 84 -1.37 -29.44 -8.97
C MSE B 84 -1.86 -30.88 -9.18
O MSE B 84 -1.35 -31.82 -8.56
CB MSE B 84 -1.80 -28.95 -7.59
CG MSE B 84 -1.09 -27.69 -7.13
SE MSE B 84 -1.55 -27.21 -5.33
CE MSE B 84 -0.47 -28.54 -4.42
N GLY B 85 -2.86 -31.04 -10.04
CA GLY B 85 -3.38 -32.37 -10.30
C GLY B 85 -4.32 -32.87 -9.22
N VAL B 86 -4.96 -31.96 -8.50
CA VAL B 86 -5.91 -32.35 -7.45
C VAL B 86 -7.30 -31.84 -7.83
N PRO B 87 -8.35 -32.51 -7.33
CA PRO B 87 -9.73 -32.14 -7.61
C PRO B 87 -10.08 -30.69 -7.32
N ARG B 88 -9.59 -30.17 -6.19
CA ARG B 88 -9.91 -28.80 -5.83
C ARG B 88 -9.05 -28.23 -4.72
N ILE B 89 -9.04 -26.90 -4.66
CA ILE B 89 -8.29 -26.16 -3.65
C ILE B 89 -9.29 -25.20 -3.03
N LEU B 90 -9.53 -25.35 -1.73
CA LEU B 90 -10.48 -24.49 -1.04
C LEU B 90 -9.87 -23.20 -0.51
N PRO B 91 -10.59 -22.08 -0.65
CA PRO B 91 -10.09 -20.80 -0.15
C PRO B 91 -9.71 -20.92 1.33
N GLU B 92 -10.50 -21.70 2.07
CA GLU B 92 -10.26 -21.91 3.49
C GLU B 92 -8.85 -22.45 3.75
N TRP B 93 -8.41 -23.40 2.93
CA TRP B 93 -7.08 -23.99 3.07
C TRP B 93 -5.96 -22.97 2.86
N LEU B 94 -6.24 -21.93 2.09
CA LEU B 94 -5.26 -20.90 1.84
C LEU B 94 -5.42 -19.78 2.86
N GLY B 95 -6.37 -19.97 3.77
CA GLY B 95 -6.62 -18.98 4.80
C GLY B 95 -7.23 -17.68 4.26
N ALA B 96 -7.94 -17.78 3.14
CA ALA B 96 -8.56 -16.60 2.54
C ALA B 96 -9.76 -16.09 3.35
N ASN B 97 -10.01 -14.78 3.26
CA ASN B 97 -11.15 -14.16 3.95
C ASN B 97 -12.27 -13.86 2.96
N VAL B 98 -11.90 -13.73 1.69
CA VAL B 98 -12.88 -13.45 0.66
C VAL B 98 -12.53 -14.24 -0.57
N ALA B 99 -13.52 -14.88 -1.17
CA ALA B 99 -13.33 -15.63 -2.41
C ALA B 99 -14.24 -14.94 -3.39
N VAL B 100 -13.66 -14.42 -4.48
CA VAL B 100 -14.45 -13.72 -5.48
C VAL B 100 -14.58 -14.51 -6.77
N SER B 101 -15.56 -14.13 -7.58
CA SER B 101 -15.76 -14.75 -8.88
C SER B 101 -16.11 -13.63 -9.86
N GLY B 102 -15.90 -13.85 -11.16
CA GLY B 102 -16.26 -12.82 -12.11
C GLY B 102 -15.17 -11.85 -12.54
N MSE B 103 -14.00 -11.95 -11.92
CA MSE B 103 -12.91 -11.07 -12.32
C MSE B 103 -11.63 -11.85 -12.62
O MSE B 103 -10.95 -12.32 -11.71
CB MSE B 103 -12.61 -10.01 -11.25
CG MSE B 103 -11.49 -9.09 -11.69
SE MSE B 103 -11.15 -7.64 -10.50
CE MSE B 103 -10.01 -8.54 -9.24
N PRO B 104 -11.30 -12.00 -13.91
CA PRO B 104 -10.11 -12.73 -14.36
C PRO B 104 -8.82 -12.15 -13.77
N ASP B 105 -7.82 -13.01 -13.58
CA ASP B 105 -6.51 -12.64 -13.04
C ASP B 105 -6.54 -11.72 -11.82
N LEU B 106 -7.27 -12.13 -10.80
CA LEU B 106 -7.37 -11.36 -9.57
C LEU B 106 -5.99 -10.98 -9.00
N THR B 107 -5.09 -11.95 -8.97
CA THR B 107 -3.75 -11.73 -8.42
C THR B 107 -3.04 -10.52 -9.02
N SER B 108 -3.33 -10.23 -10.28
CA SER B 108 -2.71 -9.11 -10.98
C SER B 108 -3.28 -7.73 -10.64
N LEU B 109 -4.32 -7.67 -9.80
CA LEU B 109 -4.91 -6.39 -9.42
C LEU B 109 -3.80 -5.53 -8.82
N LYS B 110 -3.56 -4.36 -9.40
CA LYS B 110 -2.50 -3.48 -8.94
C LYS B 110 -2.72 -2.83 -7.57
N GLU B 111 -1.62 -2.62 -6.86
CA GLU B 111 -1.66 -1.97 -5.56
C GLU B 111 -2.30 -0.60 -5.81
N GLY B 112 -3.17 -0.17 -4.91
CA GLY B 112 -3.84 1.10 -5.09
C GLY B 112 -5.26 0.90 -5.57
N SER B 113 -5.56 -0.30 -6.06
CA SER B 113 -6.92 -0.60 -6.53
C SER B 113 -7.82 -0.65 -5.30
N ARG B 114 -9.11 -0.40 -5.52
CA ARG B 114 -10.10 -0.45 -4.46
C ARG B 114 -11.16 -1.49 -4.78
N ILE B 115 -11.64 -2.16 -3.74
CA ILE B 115 -12.69 -3.18 -3.87
C ILE B 115 -13.74 -2.68 -2.90
N ILE B 116 -14.91 -2.29 -3.41
CA ILE B 116 -15.97 -1.75 -2.58
C ILE B 116 -17.24 -2.60 -2.55
N PHE B 117 -17.75 -2.81 -1.34
CA PHE B 117 -18.96 -3.60 -1.14
C PHE B 117 -20.20 -2.72 -1.07
N PRO B 118 -21.40 -3.33 -1.13
CA PRO B 118 -22.67 -2.59 -1.07
C PRO B 118 -22.86 -1.65 0.12
N SER B 119 -22.37 -2.06 1.28
CA SER B 119 -22.50 -1.27 2.49
C SER B 119 -21.54 -0.08 2.50
N GLY B 120 -20.62 -0.05 1.55
CA GLY B 120 -19.64 1.02 1.52
C GLY B 120 -18.30 0.52 1.99
N ALA B 121 -18.29 -0.62 2.69
CA ALA B 121 -17.04 -1.22 3.18
C ALA B 121 -16.07 -1.28 2.00
N ALA B 122 -14.82 -0.88 2.22
CA ALA B 122 -13.86 -0.88 1.12
C ALA B 122 -12.49 -1.42 1.50
N LEU B 123 -11.85 -2.07 0.53
CA LEU B 123 -10.53 -2.65 0.73
C LEU B 123 -9.54 -2.00 -0.22
N LEU B 124 -8.33 -1.71 0.27
CA LEU B 124 -7.27 -1.13 -0.53
C LEU B 124 -6.27 -2.24 -0.84
N CYS B 125 -6.06 -2.52 -2.13
CA CYS B 125 -5.15 -3.58 -2.54
C CYS B 125 -3.69 -3.29 -2.19
N GLU B 126 -3.07 -4.26 -1.52
CA GLU B 126 -1.67 -4.16 -1.13
C GLU B 126 -0.83 -5.20 -1.88
N GLY B 127 -1.32 -5.60 -3.04
CA GLY B 127 -0.56 -6.53 -3.87
C GLY B 127 -0.68 -8.03 -3.75
N GLU B 128 0.17 -8.70 -4.52
CA GLU B 128 0.25 -10.14 -4.60
C GLU B 128 0.58 -10.83 -3.28
N ASN B 129 -0.11 -11.92 -2.97
CA ASN B 129 0.16 -12.67 -1.75
C ASN B 129 1.08 -13.82 -2.15
N ASP B 130 2.34 -13.74 -1.71
N ASP B 130 2.34 -13.74 -1.71
CA ASP B 130 3.37 -14.75 -2.00
CA ASP B 130 3.34 -14.75 -2.03
C ASP B 130 2.99 -16.09 -1.36
C ASP B 130 2.97 -16.09 -1.37
N PRO B 131 3.00 -17.18 -2.13
CA PRO B 131 2.65 -18.48 -1.55
C PRO B 131 3.78 -19.06 -0.70
N CYS B 132 3.43 -19.59 0.47
N CYS B 132 3.43 -19.60 0.47
CA CYS B 132 4.43 -20.19 1.36
CA CYS B 132 4.41 -20.20 1.35
C CYS B 132 4.10 -21.67 1.56
C CYS B 132 4.10 -21.67 1.58
N ILE B 133 4.97 -22.36 2.30
CA ILE B 133 4.78 -23.78 2.55
C ILE B 133 3.58 -24.22 3.41
N GLN B 134 3.12 -23.35 4.31
CA GLN B 134 2.02 -23.70 5.20
C GLN B 134 0.72 -24.17 4.55
N PRO B 135 0.16 -23.37 3.62
CA PRO B 135 -1.09 -23.82 2.98
C PRO B 135 -0.81 -25.10 2.19
N GLY B 136 0.43 -25.25 1.74
CA GLY B 136 0.80 -26.43 0.99
C GLY B 136 0.70 -27.67 1.85
N GLU B 137 1.09 -27.55 3.11
CA GLU B 137 1.02 -28.67 4.05
C GLU B 137 -0.43 -29.00 4.36
N VAL B 138 -1.27 -27.97 4.43
CA VAL B 138 -2.69 -28.20 4.69
C VAL B 138 -3.28 -28.98 3.52
N ILE B 139 -2.98 -28.53 2.31
CA ILE B 139 -3.47 -29.19 1.11
C ILE B 139 -3.01 -30.66 1.10
N GLN B 140 -1.74 -30.87 1.44
CA GLN B 140 -1.19 -32.22 1.49
C GLN B 140 -1.98 -33.12 2.43
N SER B 141 -2.37 -32.58 3.58
CA SER B 141 -3.12 -33.34 4.58
C SER B 141 -4.50 -33.76 4.09
N TYR B 142 -5.02 -33.06 3.09
CA TYR B 142 -6.33 -33.41 2.55
C TYR B 142 -6.21 -34.41 1.42
N TYR B 143 -4.99 -34.55 0.90
CA TYR B 143 -4.69 -35.48 -0.19
C TYR B 143 -3.46 -36.32 0.17
N PRO B 144 -3.55 -37.15 1.22
CA PRO B 144 -2.43 -38.00 1.64
C PRO B 144 -1.92 -38.97 0.58
N ASP B 145 -2.75 -39.25 -0.43
CA ASP B 145 -2.37 -40.16 -1.50
C ASP B 145 -1.48 -39.46 -2.52
N GLN B 146 -1.47 -38.13 -2.47
CA GLN B 146 -0.66 -37.32 -3.38
C GLN B 146 0.71 -37.04 -2.78
N PRO B 147 1.77 -37.15 -3.59
CA PRO B 147 3.13 -36.90 -3.12
C PRO B 147 3.64 -35.48 -3.28
N LYS B 148 4.39 -35.01 -2.28
CA LYS B 148 4.99 -33.68 -2.28
C LYS B 148 4.08 -32.54 -2.74
N LEU B 149 2.87 -32.48 -2.21
CA LEU B 149 1.94 -31.42 -2.58
C LEU B 149 2.33 -30.06 -2.03
N ALA B 150 2.96 -30.04 -0.86
CA ALA B 150 3.37 -28.80 -0.23
C ALA B 150 4.30 -28.00 -1.15
N SER B 151 5.35 -28.66 -1.64
CA SER B 151 6.30 -27.99 -2.54
C SER B 151 5.63 -27.65 -3.87
N ALA B 152 4.74 -28.51 -4.33
CA ALA B 152 4.04 -28.27 -5.59
C ALA B 152 3.18 -27.01 -5.47
N PHE B 153 2.60 -26.78 -4.30
CA PHE B 153 1.78 -25.59 -4.09
C PHE B 153 2.60 -24.30 -4.25
N VAL B 154 3.74 -24.23 -3.55
CA VAL B 154 4.59 -23.06 -3.65
C VAL B 154 4.97 -22.81 -5.11
N ARG B 155 5.24 -23.90 -5.83
CA ARG B 155 5.63 -23.80 -7.23
C ARG B 155 4.49 -23.35 -8.15
N HIS B 156 3.40 -24.11 -8.18
CA HIS B 156 2.26 -23.82 -9.06
C HIS B 156 1.33 -22.68 -8.65
N ALA B 157 1.37 -22.27 -7.39
CA ALA B 157 0.50 -21.19 -6.94
C ALA B 157 1.11 -19.81 -7.16
N LEU B 158 2.40 -19.77 -7.46
CA LEU B 158 3.08 -18.50 -7.69
C LEU B 158 2.41 -17.70 -8.80
N GLY B 159 2.07 -16.46 -8.50
CA GLY B 159 1.43 -15.60 -9.49
C GLY B 159 -0.09 -15.71 -9.57
N ILE B 160 -0.67 -16.67 -8.85
CA ILE B 160 -2.12 -16.87 -8.87
C ILE B 160 -2.66 -17.25 -7.50
N ARG B 161 -2.01 -16.78 -6.45
CA ARG B 161 -2.41 -17.12 -5.09
C ARG B 161 -3.20 -16.00 -4.41
N GLY B 162 -3.66 -15.04 -5.20
CA GLY B 162 -4.46 -13.97 -4.63
C GLY B 162 -3.72 -12.73 -4.17
N ILE B 163 -4.44 -11.86 -3.47
CA ILE B 163 -3.88 -10.61 -2.99
C ILE B 163 -4.18 -10.38 -1.51
N VAL B 164 -3.54 -9.36 -0.95
CA VAL B 164 -3.77 -8.96 0.44
C VAL B 164 -4.19 -7.50 0.38
N CYS B 165 -5.01 -7.08 1.34
CA CYS B 165 -5.51 -5.71 1.36
C CYS B 165 -5.57 -5.17 2.78
N ILE B 166 -5.76 -3.87 2.90
CA ILE B 166 -5.94 -3.26 4.20
C ILE B 166 -7.36 -2.72 4.11
N VAL B 167 -8.03 -2.55 5.24
CA VAL B 167 -9.37 -1.99 5.20
C VAL B 167 -9.29 -0.48 5.06
N GLU B 168 -9.86 0.06 3.99
CA GLU B 168 -9.84 1.50 3.75
C GLU B 168 -11.09 2.19 4.29
N ARG B 169 -12.20 1.45 4.37
CA ARG B 169 -13.43 2.00 4.93
C ARG B 169 -14.21 0.88 5.60
N PRO B 170 -14.53 1.05 6.90
CA PRO B 170 -15.27 0.04 7.67
C PRO B 170 -16.67 -0.24 7.13
N GLY B 171 -17.18 -1.42 7.42
CA GLY B 171 -18.51 -1.78 6.96
C GLY B 171 -18.74 -3.27 6.98
N ALA B 172 -20.00 -3.68 6.88
CA ALA B 172 -20.32 -5.10 6.88
C ALA B 172 -20.38 -5.62 5.45
N VAL B 173 -20.01 -6.87 5.27
CA VAL B 173 -20.04 -7.52 3.96
C VAL B 173 -20.77 -8.86 4.11
N TYR B 174 -21.50 -9.25 3.07
CA TYR B 174 -22.28 -10.47 3.10
C TYR B 174 -22.02 -11.39 1.92
N THR B 175 -22.20 -12.68 2.14
CA THR B 175 -21.99 -13.68 1.09
C THR B 175 -22.88 -13.31 -0.11
N GLY B 176 -22.31 -13.33 -1.30
CA GLY B 176 -23.08 -13.01 -2.48
C GLY B 176 -23.08 -11.54 -2.86
N ASP B 177 -22.49 -10.69 -2.04
CA ASP B 177 -22.44 -9.27 -2.33
C ASP B 177 -21.81 -8.99 -3.68
N GLU B 178 -22.39 -8.04 -4.40
CA GLU B 178 -21.83 -7.64 -5.68
C GLU B 178 -20.76 -6.63 -5.28
N ILE B 179 -19.57 -6.76 -5.84
CA ILE B 179 -18.53 -5.80 -5.51
C ILE B 179 -18.12 -4.95 -6.68
N GLU B 180 -17.76 -3.72 -6.37
CA GLU B 180 -17.34 -2.74 -7.35
C GLU B 180 -15.83 -2.62 -7.22
N VAL B 181 -15.11 -2.94 -8.29
CA VAL B 181 -13.66 -2.87 -8.29
C VAL B 181 -13.14 -1.71 -9.12
N HIS B 182 -12.25 -0.94 -8.52
CA HIS B 182 -11.64 0.21 -9.19
C HIS B 182 -10.19 -0.20 -9.40
N SER B 183 -9.90 -0.72 -10.61
CA SER B 183 -8.58 -1.19 -10.97
C SER B 183 -7.63 -0.06 -11.32
N TYR B 184 -6.55 0.05 -10.54
CA TYR B 184 -5.56 1.09 -10.76
C TYR B 184 -4.76 0.85 -12.03
N GLN B 185 -4.76 1.87 -12.90
CA GLN B 185 -4.06 1.88 -14.19
C GLN B 185 -4.98 1.46 -15.33
S SO4 C . -5.32 15.60 0.28
O1 SO4 C . -4.27 15.69 1.33
O2 SO4 C . -4.79 14.84 -0.87
O3 SO4 C . -6.52 14.92 0.81
O4 SO4 C . -5.68 16.98 -0.14
CL CL D . -21.72 7.27 1.42
CL CL E . 0.20 17.71 -5.63
S SO4 F . 9.89 -4.65 18.89
O1 SO4 F . 10.59 -3.41 18.46
O2 SO4 F . 9.30 -4.47 20.23
O3 SO4 F . 8.82 -4.94 17.93
O4 SO4 F . 10.83 -5.80 18.93
S SO4 G . 2.55 -13.73 8.16
O1 SO4 G . 1.76 -14.67 9.00
O2 SO4 G . 3.21 -12.72 9.02
O3 SO4 G . 3.60 -14.47 7.39
O4 SO4 G . 1.67 -13.06 7.17
CL CL H . 0.81 -18.69 1.75
#